data_8W33
#
_entry.id   8W33
#
_cell.length_a   86.062
_cell.length_b   90.224
_cell.length_c   121.415
_cell.angle_alpha   90
_cell.angle_beta   90
_cell.angle_gamma   90
#
_symmetry.space_group_name_H-M   'C 2 2 21'
#
loop_
_entity.id
_entity.type
_entity.pdbx_description
1 polymer 'McrD (methyl-coenzyme M reductase operon protein D)'
2 non-polymer GLYCEROL
3 water water
#
_entity_poly.entity_id   1
_entity_poly.type   'polypeptide(L)'
_entity_poly.pdbx_seq_one_letter_code
;MHHHHHHGKPIPNPLLGLDSTENLYFQGIDPFTMSTDKFEPVPLPEILIFPNRLLSAETTEKLLNRVYDVPHVRQVNISG
EGVPAMVGSGPGKGLPVEHEGRKVINVKGREIELQLLVGRVFVEIDDIDVVEKAIEAIDEICQELLPFGYNLEVGRYSKY
RPTVTDYKKGKR
;
_entity_poly.pdbx_strand_id   A,B
#
# COMPACT_ATOMS: atom_id res chain seq x y z
N LEU A 15 -4.98 -32.48 -30.12
CA LEU A 15 -4.39 -33.68 -29.47
C LEU A 15 -4.66 -33.61 -27.97
N LEU A 16 -5.97 -33.63 -27.68
CA LEU A 16 -6.40 -33.71 -26.30
C LEU A 16 -5.83 -34.99 -25.74
N GLY A 17 -5.30 -34.86 -24.52
CA GLY A 17 -4.73 -35.95 -23.77
C GLY A 17 -3.20 -35.88 -23.75
N LEU A 18 -2.62 -35.25 -24.75
CA LEU A 18 -1.17 -35.25 -24.81
C LEU A 18 -0.58 -33.84 -24.61
N ASP A 19 -1.31 -32.96 -23.90
CA ASP A 19 -0.74 -31.67 -23.57
C ASP A 19 0.30 -31.85 -22.46
N SER A 20 1.23 -30.91 -22.38
CA SER A 20 2.18 -30.84 -21.28
C SER A 20 1.43 -30.60 -19.97
N THR A 21 2.07 -30.97 -18.85
CA THR A 21 1.38 -31.14 -17.58
C THR A 21 1.82 -30.13 -16.52
N GLU A 22 2.24 -28.93 -16.92
CA GLU A 22 2.58 -27.87 -15.97
C GLU A 22 1.42 -27.50 -15.05
N ASN A 23 0.16 -27.68 -15.49
CA ASN A 23 -0.97 -27.36 -14.60
C ASN A 23 -0.96 -28.26 -13.37
N LEU A 24 -0.55 -29.52 -13.51
CA LEU A 24 -0.44 -30.42 -12.37
C LEU A 24 0.87 -30.18 -11.61
N TYR A 25 1.99 -30.08 -12.32
CA TYR A 25 3.27 -30.00 -11.65
C TYR A 25 3.36 -28.70 -10.82
N PHE A 26 2.86 -27.61 -11.40
CA PHE A 26 2.98 -26.30 -10.79
C PHE A 26 1.69 -25.90 -10.07
N GLN A 27 0.82 -26.86 -9.75
CA GLN A 27 -0.44 -26.48 -9.13
C GLN A 27 -0.14 -25.74 -7.83
N GLY A 28 -0.85 -24.63 -7.61
CA GLY A 28 -0.70 -23.92 -6.34
C GLY A 28 0.48 -22.94 -6.31
N ILE A 29 1.27 -22.83 -7.41
CA ILE A 29 2.38 -21.86 -7.52
C ILE A 29 2.04 -20.70 -8.44
N ASP A 30 2.27 -19.43 -8.02
CA ASP A 30 2.05 -18.30 -8.92
C ASP A 30 3.16 -18.23 -9.98
N PRO A 31 2.84 -18.17 -11.30
CA PRO A 31 3.85 -18.26 -12.35
C PRO A 31 5.01 -17.25 -12.31
N PHE A 32 4.75 -15.97 -12.00
CA PHE A 32 5.80 -14.96 -12.06
C PHE A 32 6.89 -15.32 -11.05
N THR A 33 6.53 -16.06 -9.98
CA THR A 33 7.48 -16.41 -8.91
C THR A 33 8.58 -17.36 -9.41
N MET A 34 8.35 -18.05 -10.54
CA MET A 34 9.33 -18.95 -11.12
C MET A 34 10.40 -18.17 -11.91
N SER A 35 10.19 -16.87 -12.19
CA SER A 35 11.20 -16.07 -12.87
C SER A 35 12.19 -15.48 -11.86
N THR A 36 13.09 -16.33 -11.32
CA THR A 36 14.02 -15.93 -10.26
C THR A 36 15.12 -15.01 -10.82
N ASP A 37 15.23 -14.91 -12.15
CA ASP A 37 16.12 -13.93 -12.77
C ASP A 37 15.58 -12.49 -12.63
N LYS A 38 14.27 -12.35 -12.36
CA LYS A 38 13.63 -11.05 -12.41
C LYS A 38 13.01 -10.69 -11.05
N PHE A 39 12.70 -11.68 -10.21
CA PHE A 39 11.93 -11.44 -9.00
C PHE A 39 12.60 -12.12 -7.82
N GLU A 40 12.74 -11.36 -6.74
CA GLU A 40 13.37 -11.81 -5.52
C GLU A 40 12.30 -11.79 -4.45
N PRO A 41 12.00 -12.94 -3.82
CA PRO A 41 10.96 -13.01 -2.80
C PRO A 41 11.37 -12.19 -1.57
N VAL A 42 10.40 -11.47 -1.01
CA VAL A 42 10.56 -10.73 0.24
C VAL A 42 10.14 -11.65 1.36
N PRO A 43 11.02 -11.97 2.32
CA PRO A 43 10.70 -12.93 3.38
C PRO A 43 9.54 -12.53 4.28
N LEU A 44 9.42 -11.23 4.61
CA LEU A 44 8.49 -10.81 5.63
C LEU A 44 7.16 -10.43 4.97
N PRO A 45 6.05 -11.03 5.45
CA PRO A 45 4.71 -10.69 4.99
C PRO A 45 4.16 -9.50 5.76
N GLU A 46 3.04 -8.97 5.27
CA GLU A 46 2.30 -7.95 6.01
C GLU A 46 0.87 -8.43 6.25
N ILE A 47 0.31 -7.98 7.36
CA ILE A 47 -1.13 -7.99 7.58
C ILE A 47 -1.63 -6.59 7.23
N LEU A 48 -2.66 -6.54 6.38
CA LEU A 48 -3.23 -5.29 5.95
C LEU A 48 -4.60 -5.11 6.61
N ILE A 49 -4.81 -3.91 7.16
CA ILE A 49 -6.11 -3.53 7.71
C ILE A 49 -6.74 -2.53 6.72
N PHE A 50 -7.93 -2.89 6.24
CA PHE A 50 -8.72 -2.01 5.38
C PHE A 50 -9.99 -1.62 6.12
N PRO A 51 -10.00 -0.48 6.84
CA PRO A 51 -11.21 -0.02 7.50
C PRO A 51 -12.26 0.37 6.48
N ASN A 52 -13.55 0.19 6.86
CA ASN A 52 -14.64 0.55 5.97
C ASN A 52 -14.87 2.05 5.92
N ARG A 53 -14.24 2.80 6.82
CA ARG A 53 -14.24 4.26 6.74
C ARG A 53 -12.79 4.76 6.87
N LEU A 54 -12.48 5.92 6.29
CA LEU A 54 -11.20 6.56 6.51
C LEU A 54 -11.12 6.97 7.97
N LEU A 55 -10.01 6.61 8.62
CA LEU A 55 -9.92 6.81 10.05
C LEU A 55 -9.63 8.27 10.41
N SER A 56 -10.34 8.71 11.46
CA SER A 56 -9.98 9.90 12.20
C SER A 56 -8.60 9.75 12.84
N ALA A 57 -7.96 10.88 13.18
CA ALA A 57 -6.71 10.82 13.92
C ALA A 57 -6.89 10.09 15.26
N GLU A 58 -8.02 10.33 15.95
CA GLU A 58 -8.25 9.70 17.24
C GLU A 58 -8.29 8.16 17.11
N THR A 59 -8.96 7.63 16.08
CA THR A 59 -9.05 6.19 15.92
C THR A 59 -7.71 5.65 15.44
N THR A 60 -7.02 6.36 14.53
CA THR A 60 -5.68 5.93 14.14
C THR A 60 -4.80 5.77 15.37
N GLU A 61 -4.83 6.75 16.29
CA GLU A 61 -3.97 6.73 17.46
C GLU A 61 -4.26 5.48 18.30
N LYS A 62 -5.53 5.20 18.55
CA LYS A 62 -5.90 4.03 19.33
C LYS A 62 -5.44 2.75 18.65
N LEU A 63 -5.65 2.67 17.33
CA LEU A 63 -5.34 1.46 16.60
C LEU A 63 -3.83 1.19 16.60
N LEU A 64 -3.02 2.21 16.31
CA LEU A 64 -1.57 2.03 16.28
C LEU A 64 -1.02 1.62 17.65
N ASN A 65 -1.50 2.24 18.74
CA ASN A 65 -1.05 1.86 20.07
C ASN A 65 -1.28 0.36 20.31
N ARG A 66 -2.45 -0.14 19.92
CA ARG A 66 -2.81 -1.53 20.20
C ARG A 66 -2.03 -2.47 19.28
N VAL A 67 -1.87 -2.09 18.00
CA VAL A 67 -1.19 -2.97 17.06
C VAL A 67 0.27 -3.15 17.45
N TYR A 68 0.92 -2.10 17.93
CA TYR A 68 2.33 -2.20 18.28
C TYR A 68 2.56 -3.12 19.48
N ASP A 69 1.51 -3.46 20.22
CA ASP A 69 1.63 -4.42 21.31
C ASP A 69 1.44 -5.88 20.87
N VAL A 70 1.10 -6.13 19.61
CA VAL A 70 0.91 -7.49 19.16
C VAL A 70 2.28 -8.12 18.93
N PRO A 71 2.53 -9.32 19.50
CA PRO A 71 3.80 -9.99 19.28
C PRO A 71 4.12 -10.18 17.80
N HIS A 72 5.41 -9.96 17.47
CA HIS A 72 5.98 -10.25 16.16
C HIS A 72 5.72 -9.13 15.14
N VAL A 73 5.08 -8.05 15.57
CA VAL A 73 4.95 -6.87 14.73
C VAL A 73 6.31 -6.18 14.64
N ARG A 74 6.76 -5.96 13.41
CA ARG A 74 8.08 -5.42 13.19
C ARG A 74 8.01 -3.93 12.88
N GLN A 75 7.04 -3.56 12.05
CA GLN A 75 6.84 -2.15 11.71
C GLN A 75 5.40 -1.97 11.25
N VAL A 76 4.95 -0.73 11.30
CA VAL A 76 3.59 -0.37 10.89
C VAL A 76 3.67 0.86 9.98
N ASN A 77 3.09 0.75 8.80
CA ASN A 77 2.97 1.87 7.87
C ASN A 77 1.48 2.17 7.61
N ILE A 78 1.21 3.37 7.11
CA ILE A 78 -0.15 3.82 6.82
C ILE A 78 -0.17 4.52 5.47
N SER A 79 -1.33 4.38 4.82
CA SER A 79 -1.65 5.09 3.62
CA SER A 79 -1.65 5.11 3.62
C SER A 79 -3.10 5.57 3.71
N GLY A 80 -3.44 6.52 2.86
CA GLY A 80 -4.76 7.10 2.94
C GLY A 80 -4.84 8.41 2.18
N GLU A 81 -5.64 9.34 2.72
CA GLU A 81 -5.97 10.57 2.01
C GLU A 81 -5.45 11.75 2.81
N GLY A 82 -4.76 12.66 2.09
CA GLY A 82 -4.30 13.89 2.66
C GLY A 82 -5.47 14.85 2.92
N VAL A 83 -5.19 15.85 3.75
CA VAL A 83 -6.16 16.84 4.19
C VAL A 83 -5.57 18.23 3.90
N PRO A 84 -6.39 19.21 3.47
CA PRO A 84 -5.86 20.55 3.19
C PRO A 84 -5.37 21.26 4.45
N ALA A 85 -4.37 22.16 4.26
CA ALA A 85 -3.90 23.00 5.33
C ALA A 85 -4.49 24.40 5.21
N MET A 86 -5.16 24.65 4.08
CA MET A 86 -5.87 25.89 3.81
C MET A 86 -7.26 25.54 3.27
N VAL A 87 -8.29 26.28 3.72
CA VAL A 87 -9.70 26.03 3.38
C VAL A 87 -10.41 27.37 3.26
N GLY A 88 -11.25 27.53 2.23
CA GLY A 88 -11.95 28.81 2.07
C GLY A 88 -13.21 28.68 1.21
N SER A 89 -14.20 29.57 1.49
CA SER A 89 -15.44 29.62 0.73
C SER A 89 -15.74 31.05 0.31
N GLY A 90 -14.73 31.93 0.45
CA GLY A 90 -14.89 33.36 0.28
C GLY A 90 -14.17 33.83 -0.98
N PRO A 91 -14.10 35.15 -1.24
CA PRO A 91 -13.46 35.64 -2.47
C PRO A 91 -11.94 35.60 -2.38
N GLY A 92 -11.41 35.61 -1.15
CA GLY A 92 -9.97 35.65 -0.96
C GLY A 92 -9.34 34.27 -1.07
N LYS A 93 -8.03 34.21 -0.81
CA LYS A 93 -7.34 32.95 -0.72
C LYS A 93 -7.90 32.16 0.47
N GLY A 94 -7.65 30.85 0.46
CA GLY A 94 -7.93 30.00 1.61
C GLY A 94 -7.42 30.62 2.93
N LEU A 95 -8.08 30.19 4.00
CA LEU A 95 -7.72 30.52 5.38
C LEU A 95 -6.88 29.35 5.89
N PRO A 96 -5.79 29.59 6.63
CA PRO A 96 -4.96 28.51 7.15
C PRO A 96 -5.66 27.78 8.31
N VAL A 97 -5.55 26.45 8.27
CA VAL A 97 -6.09 25.61 9.33
C VAL A 97 -5.06 25.49 10.44
N GLU A 98 -5.56 25.43 11.66
CA GLU A 98 -4.70 25.25 12.82
C GLU A 98 -3.77 24.04 12.61
N HIS A 99 -2.48 24.19 12.94
CA HIS A 99 -1.54 23.06 12.86
C HIS A 99 -1.44 22.50 11.44
N GLU A 100 -1.71 23.38 10.46
CA GLU A 100 -1.66 23.08 9.05
C GLU A 100 -2.56 21.87 8.71
N GLY A 101 -3.63 21.71 9.47
CA GLY A 101 -4.58 20.66 9.22
C GLY A 101 -4.15 19.29 9.74
N ARG A 102 -2.89 19.17 10.19
CA ARG A 102 -2.36 17.92 10.71
C ARG A 102 -2.82 17.74 12.15
N LYS A 103 -2.70 16.53 12.68
CA LYS A 103 -3.02 16.27 14.08
C LYS A 103 -1.83 15.57 14.72
N VAL A 104 -1.50 15.93 15.95
CA VAL A 104 -0.45 15.24 16.67
C VAL A 104 -1.08 14.07 17.42
N ILE A 105 -0.51 12.87 17.26
CA ILE A 105 -0.98 11.70 17.98
C ILE A 105 0.17 11.20 18.83
N ASN A 106 -0.16 10.40 19.83
CA ASN A 106 0.85 9.86 20.73
C ASN A 106 0.81 8.35 20.63
N VAL A 107 1.89 7.75 20.12
CA VAL A 107 1.96 6.32 19.98
C VAL A 107 3.13 5.81 20.82
N LYS A 108 2.79 5.04 21.86
CA LYS A 108 3.74 4.45 22.78
C LYS A 108 4.72 5.49 23.31
N GLY A 109 4.24 6.69 23.63
CA GLY A 109 5.06 7.74 24.19
C GLY A 109 5.71 8.67 23.15
N ARG A 110 5.65 8.34 21.85
CA ARG A 110 6.21 9.19 20.80
C ARG A 110 5.12 10.10 20.23
N GLU A 111 5.41 11.42 20.13
CA GLU A 111 4.50 12.37 19.49
C GLU A 111 4.76 12.33 17.98
N ILE A 112 3.70 12.06 17.22
CA ILE A 112 3.82 11.90 15.78
C ILE A 112 2.85 12.86 15.09
N GLU A 113 3.35 13.60 14.10
CA GLU A 113 2.49 14.43 13.26
C GLU A 113 1.82 13.55 12.22
N LEU A 114 0.49 13.45 12.27
CA LEU A 114 -0.25 12.64 11.31
C LEU A 114 -0.91 13.54 10.29
N GLN A 115 -0.80 13.17 9.02
CA GLN A 115 -1.31 14.00 7.96
C GLN A 115 -2.11 13.18 6.95
N LEU A 116 -2.64 12.01 7.37
CA LEU A 116 -3.55 11.23 6.53
C LEU A 116 -4.80 10.88 7.31
N LEU A 117 -5.95 10.89 6.63
CA LEU A 117 -7.09 10.07 7.00
C LEU A 117 -6.75 8.66 6.51
N VAL A 118 -6.58 7.72 7.42
CA VAL A 118 -5.98 6.44 7.07
C VAL A 118 -6.99 5.47 6.47
N GLY A 119 -6.64 4.91 5.30
CA GLY A 119 -7.44 3.94 4.61
C GLY A 119 -6.83 2.54 4.54
N ARG A 120 -5.53 2.43 4.89
CA ARG A 120 -4.83 1.15 4.79
C ARG A 120 -3.67 1.14 5.76
N VAL A 121 -3.65 0.12 6.62
CA VAL A 121 -2.59 -0.08 7.58
C VAL A 121 -1.81 -1.32 7.16
N PHE A 122 -0.48 -1.19 7.14
CA PHE A 122 0.43 -2.24 6.73
C PHE A 122 1.21 -2.67 7.96
N VAL A 123 0.95 -3.88 8.45
CA VAL A 123 1.60 -4.37 9.66
C VAL A 123 2.57 -5.49 9.27
N GLU A 124 3.87 -5.18 9.26
CA GLU A 124 4.88 -6.17 8.93
C GLU A 124 5.05 -7.12 10.10
N ILE A 125 5.04 -8.43 9.80
CA ILE A 125 5.18 -9.50 10.74
C ILE A 125 6.53 -10.18 10.51
N ASP A 126 7.17 -10.65 11.58
CA ASP A 126 8.57 -11.08 11.50
C ASP A 126 8.72 -12.47 10.90
N ASP A 127 7.64 -13.17 10.60
CA ASP A 127 7.74 -14.54 10.10
C ASP A 127 6.39 -15.00 9.59
N ILE A 128 6.34 -15.56 8.38
CA ILE A 128 5.10 -16.11 7.84
C ILE A 128 4.45 -17.08 8.82
N ASP A 129 5.28 -17.82 9.58
CA ASP A 129 4.79 -18.89 10.42
C ASP A 129 4.04 -18.37 11.64
N VAL A 130 4.11 -17.08 11.95
CA VAL A 130 3.39 -16.58 13.12
C VAL A 130 2.21 -15.69 12.71
N VAL A 131 1.92 -15.61 11.42
CA VAL A 131 0.87 -14.71 10.94
C VAL A 131 -0.52 -15.10 11.46
N GLU A 132 -0.81 -16.41 11.57
CA GLU A 132 -2.12 -16.85 12.01
C GLU A 132 -2.48 -16.26 13.37
N LYS A 133 -1.57 -16.39 14.34
CA LYS A 133 -1.87 -15.88 15.67
C LYS A 133 -1.86 -14.35 15.68
N ALA A 134 -1.00 -13.74 14.88
CA ALA A 134 -0.97 -12.29 14.81
C ALA A 134 -2.27 -11.73 14.25
N ILE A 135 -2.80 -12.34 13.18
CA ILE A 135 -3.99 -11.81 12.55
C ILE A 135 -5.21 -11.98 13.46
N GLU A 136 -5.23 -13.05 14.27
CA GLU A 136 -6.27 -13.25 15.27
C GLU A 136 -6.23 -12.15 16.32
N ALA A 137 -5.03 -11.72 16.75
CA ALA A 137 -4.93 -10.63 17.72
C ALA A 137 -5.35 -9.29 17.10
N ILE A 138 -4.94 -9.05 15.84
CA ILE A 138 -5.32 -7.83 15.17
C ILE A 138 -6.83 -7.81 14.92
N ASP A 139 -7.42 -8.96 14.60
CA ASP A 139 -8.86 -9.03 14.38
C ASP A 139 -9.62 -8.62 15.64
N GLU A 140 -9.14 -9.10 16.80
CA GLU A 140 -9.76 -8.73 18.07
C GLU A 140 -9.68 -7.22 18.31
N ILE A 141 -8.53 -6.61 18.01
CA ILE A 141 -8.39 -5.16 18.11
C ILE A 141 -9.40 -4.45 17.22
N CYS A 142 -9.48 -4.87 15.94
CA CYS A 142 -10.32 -4.19 14.99
C CYS A 142 -11.80 -4.34 15.34
N GLN A 143 -12.20 -5.51 15.85
CA GLN A 143 -13.57 -5.70 16.29
C GLN A 143 -13.96 -4.62 17.29
N GLU A 144 -13.05 -4.30 18.19
CA GLU A 144 -13.29 -3.32 19.23
C GLU A 144 -13.24 -1.90 18.67
N LEU A 145 -12.24 -1.57 17.85
CA LEU A 145 -11.93 -0.17 17.53
C LEU A 145 -12.60 0.29 16.25
N LEU A 146 -13.01 -0.64 15.38
CA LEU A 146 -13.57 -0.31 14.06
C LEU A 146 -15.01 -0.86 13.93
N PRO A 147 -15.98 -0.29 14.69
CA PRO A 147 -17.37 -0.79 14.68
C PRO A 147 -18.10 -0.63 13.36
N PHE A 148 -17.61 0.28 12.50
CA PHE A 148 -18.13 0.44 11.17
C PHE A 148 -17.65 -0.64 10.21
N GLY A 149 -16.79 -1.53 10.66
CA GLY A 149 -16.40 -2.70 9.88
C GLY A 149 -15.04 -2.50 9.21
N TYR A 150 -14.46 -3.60 8.73
CA TYR A 150 -13.10 -3.63 8.21
C TYR A 150 -12.93 -4.99 7.54
N ASN A 151 -11.87 -5.09 6.73
CA ASN A 151 -11.39 -6.32 6.15
C ASN A 151 -9.91 -6.44 6.49
N LEU A 152 -9.45 -7.67 6.78
CA LEU A 152 -8.04 -7.95 6.97
C LEU A 152 -7.55 -8.84 5.83
N GLU A 153 -6.33 -8.57 5.38
CA GLU A 153 -5.67 -9.40 4.39
C GLU A 153 -4.24 -9.65 4.83
N VAL A 154 -3.61 -10.66 4.20
CA VAL A 154 -2.18 -10.89 4.30
CA VAL A 154 -2.17 -10.87 4.30
C VAL A 154 -1.57 -10.60 2.93
N GLY A 155 -0.38 -10.00 2.92
CA GLY A 155 0.31 -9.72 1.68
C GLY A 155 1.70 -10.35 1.68
N ARG A 156 2.10 -10.82 0.50
CA ARG A 156 3.42 -11.36 0.26
C ARG A 156 3.99 -10.63 -0.93
N TYR A 157 5.29 -10.26 -0.86
CA TYR A 157 5.87 -9.37 -1.85
C TYR A 157 7.04 -10.04 -2.58
N SER A 158 7.30 -9.54 -3.78
CA SER A 158 8.44 -9.95 -4.59
C SER A 158 9.05 -8.69 -5.17
N LYS A 159 10.38 -8.53 -5.04
CA LYS A 159 11.05 -7.38 -5.59
C LYS A 159 11.40 -7.61 -7.05
N TYR A 160 11.14 -6.63 -7.91
CA TYR A 160 11.55 -6.72 -9.31
C TYR A 160 13.00 -6.26 -9.40
N ARG A 161 13.84 -7.15 -9.93
CA ARG A 161 15.28 -6.96 -9.92
C ARG A 161 15.79 -7.57 -11.21
N PRO A 162 15.51 -6.96 -12.38
CA PRO A 162 15.74 -7.63 -13.66
C PRO A 162 17.21 -7.98 -13.93
N LEU B 24 12.69 -30.11 -2.67
CA LEU B 24 11.49 -30.65 -1.96
C LEU B 24 10.24 -30.23 -2.73
N TYR B 25 9.37 -31.20 -3.03
CA TYR B 25 8.18 -30.90 -3.81
C TYR B 25 7.03 -30.66 -2.83
N PHE B 26 6.55 -29.41 -2.77
CA PHE B 26 5.57 -29.01 -1.78
C PHE B 26 4.24 -29.75 -1.96
N GLN B 27 3.68 -30.26 -0.85
CA GLN B 27 2.44 -31.03 -0.86
C GLN B 27 1.40 -30.41 0.06
N GLY B 28 1.64 -29.15 0.54
CA GLY B 28 0.70 -28.48 1.42
C GLY B 28 -0.18 -27.52 0.63
N ILE B 29 -0.84 -26.59 1.33
CA ILE B 29 -1.72 -25.63 0.67
C ILE B 29 -1.21 -24.24 1.06
N ASP B 30 -0.98 -23.39 0.05
CA ASP B 30 -0.52 -22.03 0.28
C ASP B 30 -1.73 -21.11 0.30
N PRO B 31 -2.05 -20.43 1.43
CA PRO B 31 -3.26 -19.58 1.51
C PRO B 31 -3.27 -18.41 0.55
N PHE B 32 -2.09 -18.08 0.00
CA PHE B 32 -2.03 -17.05 -1.03
C PHE B 32 -2.56 -17.57 -2.35
N THR B 33 -2.59 -18.90 -2.60
CA THR B 33 -3.00 -19.36 -3.93
C THR B 33 -4.21 -20.29 -3.85
N MET B 34 -4.51 -20.83 -2.67
CA MET B 34 -5.68 -21.69 -2.53
C MET B 34 -6.48 -21.32 -1.30
N SER B 35 -7.81 -21.48 -1.37
CA SER B 35 -8.69 -21.33 -0.22
C SER B 35 -8.27 -22.27 0.91
N THR B 36 -8.33 -21.74 2.13
CA THR B 36 -8.22 -22.53 3.34
C THR B 36 -9.42 -22.20 4.21
N ASP B 37 -9.48 -22.82 5.40
CA ASP B 37 -10.58 -22.54 6.31
C ASP B 37 -10.46 -21.11 6.86
N LYS B 38 -9.30 -20.46 6.73
CA LYS B 38 -9.10 -19.13 7.30
C LYS B 38 -8.86 -18.05 6.23
N PHE B 39 -8.47 -18.43 5.00
CA PHE B 39 -8.07 -17.45 4.01
C PHE B 39 -8.70 -17.76 2.67
N GLU B 40 -8.94 -16.68 1.92
CA GLU B 40 -9.41 -16.75 0.55
C GLU B 40 -8.55 -15.85 -0.30
N PRO B 41 -7.76 -16.43 -1.25
CA PRO B 41 -6.88 -15.65 -2.11
C PRO B 41 -7.61 -14.50 -2.80
N VAL B 42 -6.96 -13.35 -2.82
CA VAL B 42 -7.38 -12.20 -3.60
C VAL B 42 -6.85 -12.39 -5.02
N PRO B 43 -7.74 -12.50 -6.04
CA PRO B 43 -7.29 -12.84 -7.37
C PRO B 43 -6.33 -11.82 -7.99
N LEU B 44 -6.53 -10.52 -7.69
CA LEU B 44 -5.82 -9.48 -8.40
C LEU B 44 -4.58 -9.04 -7.62
N PRO B 45 -3.39 -9.11 -8.24
CA PRO B 45 -2.19 -8.60 -7.58
C PRO B 45 -2.04 -7.09 -7.74
N GLU B 46 -1.12 -6.51 -6.97
CA GLU B 46 -0.68 -5.15 -7.16
C GLU B 46 0.76 -5.13 -7.63
N ILE B 47 1.05 -4.13 -8.47
CA ILE B 47 2.39 -3.66 -8.69
C ILE B 47 2.54 -2.39 -7.86
N LEU B 48 3.53 -2.42 -6.98
CA LEU B 48 3.78 -1.33 -6.04
C LEU B 48 4.98 -0.54 -6.53
N ILE B 49 4.83 0.79 -6.56
CA ILE B 49 5.91 1.71 -6.90
C ILE B 49 6.32 2.47 -5.65
N PHE B 50 7.61 2.40 -5.33
CA PHE B 50 8.25 3.06 -4.22
C PHE B 50 9.30 4.03 -4.75
N PRO B 51 8.93 5.28 -5.07
CA PRO B 51 9.92 6.25 -5.57
C PRO B 51 10.89 6.67 -4.48
N ASN B 52 12.13 7.00 -4.87
CA ASN B 52 13.16 7.38 -3.90
C ASN B 52 12.99 8.83 -3.48
N ARG B 53 12.24 9.61 -4.28
CA ARG B 53 11.86 10.96 -3.96
C ARG B 53 10.35 11.05 -4.12
N LEU B 54 9.69 11.96 -3.37
CA LEU B 54 8.27 12.15 -3.56
C LEU B 54 7.99 12.66 -4.95
N LEU B 55 6.77 12.40 -5.40
CA LEU B 55 6.35 12.82 -6.73
C LEU B 55 5.59 14.14 -6.64
N SER B 56 5.95 15.06 -7.54
CA SER B 56 5.15 16.27 -7.79
C SER B 56 3.81 15.91 -8.43
N ALA B 57 2.91 16.89 -8.46
CA ALA B 57 1.65 16.73 -9.16
C ALA B 57 1.87 16.40 -10.62
N GLU B 58 2.80 17.11 -11.26
CA GLU B 58 3.05 16.91 -12.68
C GLU B 58 3.57 15.49 -12.94
N THR B 59 4.51 15.02 -12.13
CA THR B 59 5.01 13.67 -12.29
C THR B 59 3.88 12.67 -12.08
N THR B 60 3.08 12.87 -11.01
CA THR B 60 1.97 11.98 -10.71
C THR B 60 1.03 11.89 -11.91
N GLU B 61 0.69 13.05 -12.50
CA GLU B 61 -0.20 13.09 -13.65
C GLU B 61 0.35 12.27 -14.82
N LYS B 62 1.63 12.46 -15.15
CA LYS B 62 2.23 11.77 -16.28
C LYS B 62 2.29 10.27 -15.99
N LEU B 63 2.71 9.90 -14.77
CA LEU B 63 2.81 8.50 -14.38
C LEU B 63 1.46 7.79 -14.48
N LEU B 64 0.42 8.36 -13.88
CA LEU B 64 -0.89 7.72 -13.87
C LEU B 64 -1.45 7.58 -15.28
N ASN B 65 -1.31 8.64 -16.10
CA ASN B 65 -1.82 8.59 -17.47
C ASN B 65 -1.12 7.48 -18.26
N ARG B 66 0.20 7.36 -18.13
CA ARG B 66 0.98 6.39 -18.85
C ARG B 66 0.67 4.98 -18.38
N VAL B 67 0.55 4.81 -17.05
CA VAL B 67 0.32 3.49 -16.48
C VAL B 67 -1.07 2.98 -16.86
N TYR B 68 -2.08 3.85 -16.91
CA TYR B 68 -3.41 3.44 -17.29
C TYR B 68 -3.44 2.94 -18.75
N ASP B 69 -2.42 3.26 -19.54
CA ASP B 69 -2.35 2.83 -20.93
C ASP B 69 -1.72 1.44 -21.04
N VAL B 70 -1.14 0.94 -19.95
CA VAL B 70 -0.56 -0.39 -19.95
C VAL B 70 -1.69 -1.42 -19.96
N PRO B 71 -1.66 -2.40 -20.91
CA PRO B 71 -2.63 -3.49 -20.89
C PRO B 71 -2.68 -4.18 -19.53
N HIS B 72 -3.92 -4.40 -19.07
CA HIS B 72 -4.27 -5.21 -17.91
C HIS B 72 -4.18 -4.38 -16.63
N VAL B 73 -3.94 -3.07 -16.73
CA VAL B 73 -4.03 -2.22 -15.55
C VAL B 73 -5.51 -1.94 -15.29
N ARG B 74 -5.98 -2.30 -14.09
CA ARG B 74 -7.38 -2.11 -13.74
C ARG B 74 -7.60 -0.76 -13.04
N GLN B 75 -6.69 -0.41 -12.12
CA GLN B 75 -6.81 0.88 -11.44
C GLN B 75 -5.47 1.28 -10.86
N VAL B 76 -5.32 2.58 -10.65
CA VAL B 76 -4.11 3.12 -10.05
C VAL B 76 -4.53 3.99 -8.87
N ASN B 77 -3.94 3.73 -7.70
CA ASN B 77 -4.19 4.51 -6.50
C ASN B 77 -2.87 5.08 -6.00
N ILE B 78 -2.98 6.16 -5.20
CA ILE B 78 -1.82 6.88 -4.73
C ILE B 78 -2.00 7.20 -3.25
N SER B 79 -0.88 7.45 -2.57
CA SER B 79 -0.94 7.96 -1.21
C SER B 79 0.22 8.93 -0.98
N GLY B 80 -0.09 10.00 -0.24
CA GLY B 80 0.93 10.78 0.45
C GLY B 80 1.51 9.98 1.61
N GLU B 81 2.50 10.56 2.27
CA GLU B 81 3.11 10.01 3.47
C GLU B 81 2.22 10.30 4.68
N GLY B 82 2.20 9.35 5.61
CA GLY B 82 1.44 9.51 6.84
C GLY B 82 2.04 10.55 7.77
N VAL B 83 3.38 10.70 7.75
CA VAL B 83 4.10 11.55 8.66
C VAL B 83 4.90 12.53 7.82
N PRO B 84 4.78 13.85 8.05
CA PRO B 84 5.51 14.83 7.25
C PRO B 84 7.01 14.75 7.46
N ALA B 85 7.71 15.45 6.56
CA ALA B 85 9.13 15.68 6.66
C ALA B 85 9.40 16.67 7.77
N MET B 86 10.43 16.40 8.57
CA MET B 86 10.85 17.34 9.60
C MET B 86 12.05 18.14 9.11
N VAL B 87 12.07 19.44 9.46
CA VAL B 87 13.12 20.37 9.05
C VAL B 87 14.28 20.18 10.02
N GLY B 88 15.48 19.88 9.48
CA GLY B 88 16.64 19.51 10.29
C GLY B 88 17.66 20.66 10.39
N SER B 89 17.54 21.67 9.53
CA SER B 89 18.37 22.87 9.67
C SER B 89 17.72 24.04 8.96
N GLY B 90 18.22 25.24 9.34
CA GLY B 90 17.75 26.51 8.80
C GLY B 90 16.55 27.04 9.58
N PRO B 91 15.77 27.98 8.99
CA PRO B 91 14.47 28.38 9.54
C PRO B 91 13.53 27.19 9.63
N GLY B 92 12.89 27.01 10.80
CA GLY B 92 11.85 26.01 10.98
C GLY B 92 12.41 24.69 11.54
N LYS B 93 13.71 24.68 11.90
CA LYS B 93 14.37 23.50 12.41
C LYS B 93 13.53 22.90 13.54
N GLY B 94 13.34 21.58 13.55
CA GLY B 94 12.62 20.84 14.59
C GLY B 94 11.11 20.70 14.31
N LEU B 95 10.60 21.41 13.31
CA LEU B 95 9.17 21.43 13.02
C LEU B 95 8.93 20.75 11.67
N PRO B 96 7.68 20.37 11.35
CA PRO B 96 7.39 19.86 10.01
C PRO B 96 7.61 20.94 8.96
N VAL B 97 7.94 20.49 7.74
CA VAL B 97 7.91 21.36 6.59
C VAL B 97 6.53 21.97 6.45
N GLU B 98 6.46 23.12 5.75
CA GLU B 98 5.19 23.72 5.43
C GLU B 98 4.37 22.74 4.58
N HIS B 99 3.09 22.57 4.89
CA HIS B 99 2.24 21.63 4.18
C HIS B 99 2.09 22.07 2.73
N GLU B 100 2.25 21.12 1.81
CA GLU B 100 2.08 21.43 0.39
C GLU B 100 0.65 21.91 0.12
N GLY B 101 0.50 22.68 -0.96
CA GLY B 101 -0.78 23.16 -1.43
C GLY B 101 -1.53 22.12 -2.25
N ARG B 102 -2.84 22.32 -2.34
CA ARG B 102 -3.69 21.43 -3.11
C ARG B 102 -3.37 21.61 -4.58
N LYS B 103 -3.32 20.51 -5.32
CA LYS B 103 -3.13 20.55 -6.77
C LYS B 103 -4.16 19.64 -7.41
N VAL B 104 -4.58 19.98 -8.62
CA VAL B 104 -5.53 19.16 -9.34
C VAL B 104 -4.82 18.65 -10.59
N ILE B 105 -4.97 17.35 -10.84
CA ILE B 105 -4.42 16.73 -12.03
C ILE B 105 -5.57 16.10 -12.82
N ASN B 106 -5.26 15.75 -14.05
CA ASN B 106 -6.23 15.21 -14.98
C ASN B 106 -5.72 13.85 -15.42
N VAL B 107 -6.44 12.79 -15.01
CA VAL B 107 -6.07 11.44 -15.35
C VAL B 107 -7.20 10.82 -16.16
N LYS B 108 -6.90 10.59 -17.44
CA LYS B 108 -7.86 10.03 -18.39
C LYS B 108 -9.20 10.77 -18.28
N GLY B 109 -9.15 12.11 -18.28
CA GLY B 109 -10.33 12.95 -18.29
C GLY B 109 -10.98 13.14 -16.91
N ARG B 110 -10.44 12.52 -15.86
CA ARG B 110 -10.99 12.67 -14.52
C ARG B 110 -10.06 13.56 -13.70
N GLU B 111 -10.64 14.56 -13.01
CA GLU B 111 -9.90 15.44 -12.14
C GLU B 111 -9.67 14.76 -10.79
N ILE B 112 -8.41 14.77 -10.35
CA ILE B 112 -8.02 14.19 -9.09
C ILE B 112 -7.38 15.29 -8.26
N GLU B 113 -7.80 15.44 -7.00
CA GLU B 113 -7.22 16.45 -6.13
C GLU B 113 -6.12 15.79 -5.32
N LEU B 114 -4.94 16.40 -5.34
CA LEU B 114 -3.81 15.98 -4.54
C LEU B 114 -3.62 16.95 -3.39
N GLN B 115 -3.61 16.45 -2.16
CA GLN B 115 -3.38 17.31 -1.02
C GLN B 115 -1.92 17.22 -0.58
N LEU B 116 -1.21 16.16 -1.02
CA LEU B 116 0.13 15.87 -0.59
C LEU B 116 0.96 15.40 -1.81
N LEU B 117 2.27 15.60 -1.72
CA LEU B 117 3.22 14.97 -2.64
C LEU B 117 3.07 13.45 -2.47
N VAL B 118 3.17 12.72 -3.58
CA VAL B 118 2.84 11.30 -3.58
C VAL B 118 4.08 10.47 -3.26
N GLY B 119 3.97 9.56 -2.27
CA GLY B 119 5.09 8.72 -1.88
C GLY B 119 4.93 7.24 -2.25
N ARG B 120 3.69 6.79 -2.53
CA ARG B 120 3.42 5.40 -2.92
C ARG B 120 2.39 5.36 -4.05
N VAL B 121 2.57 4.41 -4.97
CA VAL B 121 1.60 4.13 -6.03
C VAL B 121 1.27 2.64 -5.99
N PHE B 122 0.00 2.31 -6.18
CA PHE B 122 -0.56 0.98 -6.11
C PHE B 122 -1.28 0.71 -7.43
N VAL B 123 -0.78 -0.25 -8.21
CA VAL B 123 -1.36 -0.51 -9.54
C VAL B 123 -1.99 -1.89 -9.49
N GLU B 124 -3.32 -1.93 -9.65
CA GLU B 124 -4.02 -3.22 -9.66
C GLU B 124 -4.00 -3.81 -11.07
N ILE B 125 -3.58 -5.07 -11.19
CA ILE B 125 -3.47 -5.79 -12.46
C ILE B 125 -4.60 -6.81 -12.55
N ASP B 126 -5.17 -7.03 -13.74
CA ASP B 126 -6.43 -7.76 -13.80
C ASP B 126 -6.24 -9.27 -13.85
N ASP B 127 -4.99 -9.75 -13.81
CA ASP B 127 -4.71 -11.19 -13.92
C ASP B 127 -3.30 -11.46 -13.42
N ILE B 128 -3.16 -12.41 -12.49
CA ILE B 128 -1.84 -12.84 -12.03
C ILE B 128 -0.91 -13.24 -13.19
N ASP B 129 -1.45 -13.80 -14.28
CA ASP B 129 -0.62 -14.37 -15.33
C ASP B 129 0.09 -13.32 -16.17
N VAL B 130 -0.35 -12.06 -16.13
CA VAL B 130 0.25 -11.03 -16.97
C VAL B 130 1.08 -10.05 -16.14
N VAL B 131 1.41 -10.41 -14.90
CA VAL B 131 2.14 -9.51 -14.03
C VAL B 131 3.51 -9.19 -14.63
N GLU B 132 4.19 -10.23 -15.11
CA GLU B 132 5.56 -10.06 -15.54
C GLU B 132 5.63 -9.03 -16.69
N LYS B 133 4.74 -9.16 -17.68
CA LYS B 133 4.67 -8.20 -18.79
C LYS B 133 4.28 -6.79 -18.31
N ALA B 134 3.29 -6.70 -17.41
CA ALA B 134 2.84 -5.40 -16.90
C ALA B 134 3.96 -4.67 -16.17
N ILE B 135 4.73 -5.40 -15.36
CA ILE B 135 5.77 -4.76 -14.57
C ILE B 135 6.93 -4.31 -15.45
N GLU B 136 7.21 -5.01 -16.56
CA GLU B 136 8.23 -4.56 -17.49
C GLU B 136 7.81 -3.24 -18.15
N ALA B 137 6.52 -3.14 -18.52
CA ALA B 137 6.00 -1.92 -19.13
C ALA B 137 6.06 -0.75 -18.13
N ILE B 138 5.67 -1.03 -16.88
CA ILE B 138 5.65 0.01 -15.85
C ILE B 138 7.08 0.40 -15.55
N ASP B 139 7.99 -0.57 -15.55
CA ASP B 139 9.38 -0.26 -15.32
C ASP B 139 9.92 0.71 -16.36
N GLU B 140 9.53 0.54 -17.64
CA GLU B 140 10.02 1.42 -18.68
C GLU B 140 9.50 2.85 -18.48
N ILE B 141 8.24 2.97 -18.09
CA ILE B 141 7.66 4.27 -17.77
C ILE B 141 8.45 4.94 -16.63
N CYS B 142 8.70 4.19 -15.55
CA CYS B 142 9.35 4.73 -14.38
C CYS B 142 10.79 5.13 -14.70
N GLN B 143 11.48 4.36 -15.56
CA GLN B 143 12.83 4.72 -15.95
C GLN B 143 12.87 6.15 -16.47
N GLU B 144 11.86 6.51 -17.25
CA GLU B 144 11.80 7.84 -17.85
C GLU B 144 11.34 8.88 -16.85
N LEU B 145 10.32 8.58 -16.03
CA LEU B 145 9.67 9.61 -15.25
C LEU B 145 10.30 9.76 -13.87
N LEU B 146 10.98 8.74 -13.36
CA LEU B 146 11.51 8.75 -12.00
C LEU B 146 13.03 8.61 -12.06
N PRO B 147 13.75 9.61 -12.60
CA PRO B 147 15.20 9.51 -12.80
C PRO B 147 15.98 9.43 -11.49
N PHE B 148 15.34 9.88 -10.40
CA PHE B 148 15.95 9.85 -9.07
C PHE B 148 15.90 8.46 -8.43
N GLY B 149 15.30 7.49 -9.11
CA GLY B 149 15.33 6.11 -8.67
C GLY B 149 14.00 5.70 -8.04
N TYR B 150 13.79 4.37 -7.96
CA TYR B 150 12.55 3.80 -7.48
C TYR B 150 12.76 2.30 -7.36
N ASN B 151 11.83 1.66 -6.65
CA ASN B 151 11.79 0.22 -6.56
C ASN B 151 10.38 -0.22 -6.89
N LEU B 152 10.28 -1.36 -7.56
CA LEU B 152 9.00 -1.96 -7.93
C LEU B 152 8.88 -3.30 -7.25
N GLU B 153 7.66 -3.61 -6.82
CA GLU B 153 7.37 -4.90 -6.21
C GLU B 153 6.04 -5.42 -6.74
N VAL B 154 5.86 -6.75 -6.63
CA VAL B 154 4.58 -7.37 -6.84
C VAL B 154 4.01 -7.75 -5.48
N GLY B 155 2.75 -7.40 -5.23
CA GLY B 155 2.07 -7.82 -4.02
C GLY B 155 0.96 -8.81 -4.38
N ARG B 156 0.89 -9.90 -3.62
CA ARG B 156 -0.15 -10.90 -3.76
C ARG B 156 -0.80 -11.09 -2.39
N TYR B 157 -2.13 -11.13 -2.38
CA TYR B 157 -2.86 -10.98 -1.15
C TYR B 157 -3.83 -12.13 -0.95
N SER B 158 -4.18 -12.33 0.33
CA SER B 158 -5.21 -13.29 0.72
C SER B 158 -6.06 -12.69 1.83
N LYS B 159 -7.37 -12.86 1.72
CA LYS B 159 -8.35 -12.26 2.61
C LYS B 159 -8.62 -13.17 3.80
N TYR B 160 -8.56 -12.59 5.00
CA TYR B 160 -8.85 -13.32 6.22
C TYR B 160 -10.37 -13.46 6.31
N ARG B 161 -10.82 -14.71 6.34
CA ARG B 161 -12.24 -15.06 6.26
C ARG B 161 -12.43 -16.30 7.12
N PRO B 162 -12.27 -16.18 8.46
CA PRO B 162 -12.24 -17.35 9.33
C PRO B 162 -13.57 -18.10 9.29
N THR B 163 -13.50 -19.44 9.36
CA THR B 163 -14.60 -20.38 9.27
C THR B 163 -15.10 -20.44 7.85
#